data_7R6H
#
_entry.id   7R6H
#
_cell.length_a   34.450
_cell.length_b   55.920
_cell.length_c   110.230
_cell.angle_alpha   90.000
_cell.angle_beta   90.000
_cell.angle_gamma   90.000
#
_symmetry.space_group_name_H-M   'P 21 21 21'
#
loop_
_entity.id
_entity.type
_entity.pdbx_description
1 polymer Tetrabrachion
2 non-polymer ortho-carborane
3 water water
#
_entity_poly.entity_id   1
_entity_poly.type   'polypeptide(L)'
_entity_poly.pdbx_seq_one_letter_code
;GSIINETADDIVYRLTVIIDDRYESLKNLITLRADRLEMIINDNVSTILASI
;
_entity_poly.pdbx_strand_id   A,B,C,D
#
# COMPACT_ATOMS: atom_id res chain seq x y z
N GLY A 1 -3.67 -36.76 0.30
CA GLY A 1 -4.94 -36.66 1.05
C GLY A 1 -6.14 -36.88 0.17
N SER A 2 -7.33 -36.49 0.65
CA SER A 2 -8.52 -36.54 -0.18
C SER A 2 -8.36 -35.59 -1.37
N ILE A 3 -9.18 -35.80 -2.38
CA ILE A 3 -9.13 -34.93 -3.56
C ILE A 3 -9.52 -33.51 -3.18
N ILE A 4 -10.51 -33.37 -2.30
CA ILE A 4 -10.94 -32.04 -1.88
C ILE A 4 -9.88 -31.37 -1.02
N ASN A 5 -9.13 -32.17 -0.25
N ASN A 5 -9.11 -32.17 -0.26
CA ASN A 5 -8.06 -31.61 0.57
CA ASN A 5 -8.07 -31.59 0.57
C ASN A 5 -6.90 -31.15 -0.29
C ASN A 5 -6.86 -31.17 -0.26
N GLU A 6 -6.52 -31.94 -1.30
CA GLU A 6 -5.45 -31.53 -2.20
C GLU A 6 -5.89 -30.40 -3.13
N THR A 7 -7.19 -30.33 -3.45
CA THR A 7 -7.69 -29.23 -4.26
C THR A 7 -7.76 -27.94 -3.45
N ALA A 8 -8.20 -28.04 -2.19
CA ALA A 8 -8.22 -26.85 -1.33
C ALA A 8 -6.80 -26.38 -1.02
N ASP A 9 -5.84 -27.30 -0.94
CA ASP A 9 -4.45 -26.90 -0.74
C ASP A 9 -3.93 -26.14 -1.97
N ASP A 10 -4.36 -26.57 -3.17
CA ASP A 10 -3.89 -25.93 -4.40
C ASP A 10 -4.53 -24.55 -4.58
N ILE A 11 -5.80 -24.41 -4.17
CA ILE A 11 -6.44 -23.11 -4.23
C ILE A 11 -5.70 -22.12 -3.33
N VAL A 12 -5.44 -22.53 -2.08
CA VAL A 12 -4.78 -21.64 -1.13
C VAL A 12 -3.37 -21.30 -1.60
N TYR A 13 -2.64 -22.30 -2.10
CA TYR A 13 -1.28 -22.05 -2.54
C TYR A 13 -1.24 -21.04 -3.69
N ARG A 14 -2.02 -21.31 -4.74
CA ARG A 14 -2.00 -20.44 -5.92
C ARG A 14 -2.41 -19.01 -5.58
N LEU A 15 -3.38 -18.86 -4.69
CA LEU A 15 -3.81 -17.52 -4.29
C LEU A 15 -2.83 -16.90 -3.29
N THR A 16 -2.12 -17.73 -2.51
CA THR A 16 -1.10 -17.18 -1.62
C THR A 16 0.10 -16.66 -2.39
N VAL A 17 0.44 -17.30 -3.52
CA VAL A 17 1.49 -16.77 -4.38
C VAL A 17 1.06 -15.43 -4.96
N ILE A 18 -0.20 -15.33 -5.41
CA ILE A 18 -0.70 -14.07 -5.94
C ILE A 18 -0.65 -12.99 -4.88
N ILE A 19 -1.23 -13.26 -3.71
CA ILE A 19 -1.28 -12.27 -2.64
C ILE A 19 0.13 -11.81 -2.28
N ASP A 20 1.03 -12.77 -2.04
CA ASP A 20 2.38 -12.42 -1.62
C ASP A 20 3.07 -11.55 -2.66
N ASP A 21 2.96 -11.93 -3.94
CA ASP A 21 3.61 -11.16 -4.99
C ASP A 21 3.09 -9.73 -5.02
N ARG A 22 1.76 -9.55 -5.07
CA ARG A 22 1.20 -8.20 -5.07
C ARG A 22 1.60 -7.46 -3.80
N TYR A 23 1.68 -8.16 -2.67
CA TYR A 23 2.17 -7.52 -1.45
C TYR A 23 3.62 -7.11 -1.61
N GLU A 24 4.46 -8.02 -2.10
CA GLU A 24 5.89 -7.73 -2.21
C GLU A 24 6.15 -6.55 -3.14
N SER A 25 5.34 -6.43 -4.20
CA SER A 25 5.51 -5.33 -5.12
C SER A 25 5.11 -4.00 -4.48
N LEU A 26 4.03 -4.01 -3.68
CA LEU A 26 3.63 -2.80 -2.98
C LEU A 26 4.65 -2.45 -1.88
N LYS A 27 5.21 -3.46 -1.23
CA LYS A 27 6.28 -3.22 -0.28
C LYS A 27 7.44 -2.50 -0.95
N ASN A 28 7.93 -3.03 -2.07
CA ASN A 28 9.05 -2.40 -2.76
C ASN A 28 8.66 -1.04 -3.30
N LEU A 29 7.41 -0.86 -3.73
CA LEU A 29 6.99 0.43 -4.26
C LEU A 29 7.00 1.50 -3.17
N ILE A 30 6.46 1.18 -2.00
CA ILE A 30 6.39 2.18 -0.93
C ILE A 30 7.79 2.55 -0.47
N THR A 31 8.65 1.55 -0.29
CA THR A 31 10.04 1.83 0.09
C THR A 31 10.74 2.68 -0.96
N LEU A 32 10.47 2.41 -2.24
CA LEU A 32 11.14 3.14 -3.31
C LEU A 32 10.73 4.60 -3.30
N ARG A 33 9.43 4.88 -3.21
CA ARG A 33 8.97 6.27 -3.28
C ARG A 33 9.38 7.04 -2.03
N ALA A 34 9.35 6.38 -0.87
CA ALA A 34 9.82 7.03 0.36
C ALA A 34 11.32 7.34 0.27
N ASP A 35 12.10 6.42 -0.31
CA ASP A 35 13.51 6.67 -0.52
C ASP A 35 13.72 7.82 -1.51
N ARG A 36 12.95 7.84 -2.60
CA ARG A 36 13.07 8.93 -3.56
C ARG A 36 12.78 10.27 -2.92
N LEU A 37 11.73 10.34 -2.11
CA LEU A 37 11.41 11.60 -1.44
C LEU A 37 12.54 12.04 -0.51
N GLU A 38 13.10 11.10 0.26
CA GLU A 38 14.15 11.46 1.20
C GLU A 38 15.40 11.93 0.46
N MET A 39 15.71 11.33 -0.69
CA MET A 39 16.84 11.81 -1.49
C MET A 39 16.59 13.22 -1.99
N ILE A 40 15.35 13.52 -2.39
CA ILE A 40 15.03 14.86 -2.86
C ILE A 40 15.08 15.85 -1.70
N ILE A 41 14.46 15.49 -0.58
CA ILE A 41 14.42 16.39 0.57
C ILE A 41 15.83 16.74 1.02
N ASN A 42 16.72 15.75 1.09
CA ASN A 42 18.04 16.01 1.63
C ASN A 42 18.91 16.78 0.64
N ASP A 43 18.74 16.56 -0.66
CA ASP A 43 19.42 17.41 -1.63
C ASP A 43 18.96 18.85 -1.50
N ASN A 44 17.66 19.06 -1.28
CA ASN A 44 17.12 20.41 -1.26
C ASN A 44 17.47 21.14 0.03
N VAL A 45 17.54 20.45 1.16
CA VAL A 45 17.90 21.12 2.40
C VAL A 45 19.36 21.59 2.34
N SER A 46 20.23 20.77 1.75
CA SER A 46 21.62 21.16 1.62
C SER A 46 21.79 22.29 0.62
N THR A 47 20.89 22.40 -0.36
CA THR A 47 20.94 23.51 -1.30
C THR A 47 20.42 24.79 -0.65
N ILE A 48 19.37 24.70 0.16
CA ILE A 48 18.85 25.88 0.85
C ILE A 48 19.88 26.38 1.86
N LEU A 49 20.43 25.47 2.67
CA LEU A 49 21.39 25.87 3.70
C LEU A 49 22.62 26.54 3.09
N ALA A 50 23.05 26.10 1.91
CA ALA A 50 24.18 26.72 1.24
C ALA A 50 23.81 27.98 0.49
N SER A 51 22.51 28.32 0.43
CA SER A 51 22.05 29.49 -0.31
C SER A 51 21.61 30.64 0.58
N ILE A 52 21.28 30.38 1.85
CA ILE A 52 20.82 31.44 2.73
C ILE A 52 22.02 32.25 3.24
N SER B 2 -13.10 -31.82 -14.43
CA SER B 2 -14.13 -32.33 -13.53
C SER B 2 -14.72 -31.20 -12.70
N ILE B 3 -15.90 -31.43 -12.13
CA ILE B 3 -16.60 -30.38 -11.40
C ILE B 3 -15.77 -29.88 -10.21
N ILE B 4 -14.76 -30.66 -9.79
CA ILE B 4 -13.90 -30.21 -8.70
C ILE B 4 -12.79 -29.31 -9.23
N ASN B 5 -12.08 -29.76 -10.27
CA ASN B 5 -10.99 -28.95 -10.81
C ASN B 5 -11.53 -27.70 -11.50
N GLU B 6 -12.64 -27.83 -12.24
CA GLU B 6 -13.23 -26.67 -12.90
C GLU B 6 -13.54 -25.58 -11.89
N THR B 7 -14.23 -25.94 -10.81
CA THR B 7 -14.61 -24.97 -9.80
C THR B 7 -13.40 -24.38 -9.09
N ALA B 8 -12.32 -25.18 -8.94
CA ALA B 8 -11.12 -24.68 -8.30
C ALA B 8 -10.41 -23.67 -9.19
N ASP B 9 -10.29 -23.96 -10.50
CA ASP B 9 -9.72 -22.99 -11.42
C ASP B 9 -10.55 -21.72 -11.47
N ASP B 10 -11.88 -21.84 -11.31
CA ASP B 10 -12.73 -20.67 -11.33
C ASP B 10 -12.52 -19.81 -10.09
N ILE B 11 -12.41 -20.45 -8.91
CA ILE B 11 -12.15 -19.69 -7.69
C ILE B 11 -10.86 -18.90 -7.82
N VAL B 12 -9.81 -19.56 -8.32
CA VAL B 12 -8.50 -18.91 -8.41
C VAL B 12 -8.56 -17.75 -9.38
N TYR B 13 -9.11 -17.97 -10.58
CA TYR B 13 -9.14 -16.91 -11.56
C TYR B 13 -9.92 -15.71 -11.05
N ARG B 14 -11.14 -15.93 -10.56
CA ARG B 14 -11.98 -14.83 -10.11
C ARG B 14 -11.29 -14.02 -9.03
N LEU B 15 -10.80 -14.68 -7.97
CA LEU B 15 -10.18 -13.95 -6.87
C LEU B 15 -8.87 -13.31 -7.30
N THR B 16 -8.17 -13.90 -8.29
CA THR B 16 -6.96 -13.26 -8.79
C THR B 16 -7.28 -11.92 -9.43
N VAL B 17 -8.39 -11.84 -10.17
CA VAL B 17 -8.79 -10.56 -10.76
C VAL B 17 -9.12 -9.55 -9.66
N ILE B 18 -9.84 -9.99 -8.63
CA ILE B 18 -10.10 -9.12 -7.49
C ILE B 18 -8.78 -8.55 -6.96
N ILE B 19 -7.83 -9.44 -6.68
CA ILE B 19 -6.58 -9.00 -6.06
C ILE B 19 -5.78 -8.09 -7.00
N ASP B 20 -5.67 -8.49 -8.27
CA ASP B 20 -4.93 -7.65 -9.21
C ASP B 20 -5.56 -6.27 -9.32
N ASP B 21 -6.89 -6.19 -9.36
CA ASP B 21 -7.57 -4.90 -9.42
C ASP B 21 -7.22 -4.06 -8.21
N ARG B 22 -7.30 -4.64 -7.01
CA ARG B 22 -6.97 -3.89 -5.80
C ARG B 22 -5.49 -3.53 -5.76
N TYR B 23 -4.64 -4.42 -6.27
CA TYR B 23 -3.20 -4.13 -6.30
C TYR B 23 -2.89 -2.98 -7.25
N GLU B 24 -3.34 -3.09 -8.50
CA GLU B 24 -3.02 -2.05 -9.49
C GLU B 24 -3.57 -0.70 -9.07
N SER B 25 -4.69 -0.68 -8.34
CA SER B 25 -5.27 0.58 -7.90
C SER B 25 -4.42 1.23 -6.81
N LEU B 26 -3.94 0.43 -5.85
CA LEU B 26 -3.05 0.94 -4.82
C LEU B 26 -1.71 1.36 -5.41
N LYS B 27 -1.19 0.56 -6.35
CA LYS B 27 0.03 0.95 -7.06
C LYS B 27 -0.13 2.33 -7.66
N ASN B 28 -1.27 2.57 -8.31
CA ASN B 28 -1.50 3.86 -8.95
C ASN B 28 -1.64 4.97 -7.92
N LEU B 29 -2.33 4.71 -6.82
CA LEU B 29 -2.48 5.74 -5.79
C LEU B 29 -1.12 6.11 -5.20
N ILE B 30 -0.31 5.10 -4.87
CA ILE B 30 1.00 5.37 -4.28
C ILE B 30 1.85 6.18 -5.24
N THR B 31 1.90 5.76 -6.51
CA THR B 31 2.68 6.49 -7.51
C THR B 31 2.16 7.91 -7.66
N LEU B 32 0.83 8.07 -7.73
CA LEU B 32 0.25 9.40 -7.88
C LEU B 32 0.64 10.31 -6.72
N ARG B 33 0.39 9.87 -5.49
CA ARG B 33 0.64 10.72 -4.34
C ARG B 33 2.13 10.99 -4.18
N ALA B 34 2.97 9.99 -4.47
CA ALA B 34 4.41 10.22 -4.48
C ALA B 34 4.80 11.25 -5.53
N ASP B 35 4.24 11.11 -6.73
CA ASP B 35 4.56 12.07 -7.80
C ASP B 35 4.20 13.49 -7.39
N ARG B 36 3.01 13.67 -6.80
CA ARG B 36 2.59 15.00 -6.36
C ARG B 36 3.55 15.54 -5.31
N LEU B 37 3.90 14.73 -4.31
CA LEU B 37 4.77 15.20 -3.24
C LEU B 37 6.13 15.59 -3.78
N GLU B 38 6.65 14.85 -4.75
CA GLU B 38 7.92 15.22 -5.36
C GLU B 38 7.81 16.55 -6.10
N MET B 39 6.69 16.76 -6.81
CA MET B 39 6.52 18.00 -7.56
C MET B 39 6.26 19.17 -6.61
N ILE B 40 5.52 18.95 -5.54
CA ILE B 40 5.28 20.02 -4.57
C ILE B 40 6.58 20.42 -3.89
N ILE B 41 7.40 19.45 -3.51
CA ILE B 41 8.67 19.76 -2.86
C ILE B 41 9.56 20.55 -3.79
N ASN B 42 9.80 20.04 -5.00
CA ASN B 42 10.72 20.69 -5.92
C ASN B 42 10.21 22.05 -6.36
N ASP B 43 8.89 22.20 -6.50
CA ASP B 43 8.33 23.53 -6.75
C ASP B 43 8.60 24.46 -5.58
N ASN B 44 8.28 24.00 -4.36
CA ASN B 44 8.40 24.86 -3.19
C ASN B 44 9.85 25.22 -2.90
N VAL B 45 10.78 24.32 -3.17
CA VAL B 45 12.19 24.63 -2.93
C VAL B 45 12.68 25.69 -3.91
N SER B 46 12.38 25.51 -5.20
CA SER B 46 12.75 26.52 -6.18
C SER B 46 12.11 27.87 -5.87
N THR B 47 10.92 27.86 -5.27
CA THR B 47 10.27 29.11 -4.88
C THR B 47 11.07 29.79 -3.78
N ILE B 48 11.50 29.03 -2.77
CA ILE B 48 12.33 29.60 -1.72
C ILE B 48 13.62 30.15 -2.31
N LEU B 49 14.30 29.34 -3.14
CA LEU B 49 15.60 29.75 -3.65
C LEU B 49 15.48 31.01 -4.51
N ALA B 50 14.39 31.14 -5.26
CA ALA B 50 14.18 32.33 -6.06
C ALA B 50 13.85 33.55 -5.21
N SER B 51 13.44 33.36 -3.96
CA SER B 51 13.06 34.46 -3.09
C SER B 51 14.21 34.96 -2.23
N ILE B 52 15.21 34.12 -1.96
CA ILE B 52 16.31 34.51 -1.08
C ILE B 52 17.31 35.38 -1.83
N ILE C 3 -24.33 -27.16 -5.43
CA ILE C 3 -23.68 -27.18 -4.13
C ILE C 3 -22.21 -26.80 -4.29
N ILE C 4 -21.53 -27.49 -5.21
CA ILE C 4 -20.13 -27.19 -5.47
C ILE C 4 -19.99 -25.76 -5.99
N ASN C 5 -20.93 -25.32 -6.82
CA ASN C 5 -20.91 -23.94 -7.31
C ASN C 5 -21.42 -22.96 -6.26
N GLU C 6 -22.43 -23.36 -5.48
CA GLU C 6 -22.91 -22.50 -4.40
C GLU C 6 -21.83 -22.30 -3.36
N THR C 7 -21.04 -23.34 -3.08
CA THR C 7 -19.96 -23.21 -2.11
C THR C 7 -18.83 -22.35 -2.67
N ALA C 8 -18.50 -22.52 -3.96
CA ALA C 8 -17.45 -21.72 -4.56
C ALA C 8 -17.83 -20.25 -4.58
N ASP C 9 -19.08 -19.94 -4.93
CA ASP C 9 -19.54 -18.55 -4.88
C ASP C 9 -19.43 -18.00 -3.47
N ASP C 10 -19.68 -18.82 -2.46
CA ASP C 10 -19.55 -18.37 -1.08
C ASP C 10 -18.10 -18.03 -0.75
N ILE C 11 -17.17 -18.88 -1.18
CA ILE C 11 -15.75 -18.62 -0.93
C ILE C 11 -15.33 -17.30 -1.58
N VAL C 12 -15.57 -17.18 -2.89
CA VAL C 12 -15.15 -15.98 -3.61
C VAL C 12 -15.76 -14.74 -2.99
N TYR C 13 -17.06 -14.78 -2.70
CA TYR C 13 -17.72 -13.63 -2.09
C TYR C 13 -17.05 -13.26 -0.77
N ARG C 14 -16.98 -14.22 0.16
CA ARG C 14 -16.47 -13.92 1.49
C ARG C 14 -15.05 -13.35 1.42
N LEU C 15 -14.19 -13.98 0.62
CA LEU C 15 -12.82 -13.49 0.51
C LEU C 15 -12.76 -12.16 -0.24
N THR C 16 -13.73 -11.90 -1.11
CA THR C 16 -13.76 -10.62 -1.81
C THR C 16 -14.17 -9.48 -0.87
N VAL C 17 -14.98 -9.78 0.14
CA VAL C 17 -15.31 -8.76 1.14
C VAL C 17 -14.08 -8.44 1.98
N ILE C 18 -13.27 -9.45 2.30
CA ILE C 18 -12.05 -9.22 3.07
C ILE C 18 -11.08 -8.36 2.26
N ILE C 19 -10.83 -8.75 1.02
CA ILE C 19 -9.85 -8.04 0.19
C ILE C 19 -10.25 -6.58 0.02
N ASP C 20 -11.52 -6.35 -0.29
CA ASP C 20 -11.97 -4.99 -0.53
C ASP C 20 -11.94 -4.14 0.74
N ASP C 21 -12.21 -4.75 1.89
CA ASP C 21 -12.13 -4.00 3.16
C ASP C 21 -10.69 -3.61 3.45
N ARG C 22 -9.75 -4.55 3.29
CA ARG C 22 -8.35 -4.23 3.52
C ARG C 22 -7.85 -3.19 2.51
N TYR C 23 -8.22 -3.36 1.24
CA TYR C 23 -7.82 -2.39 0.22
C TYR C 23 -8.38 -1.01 0.54
N GLU C 24 -9.63 -0.94 1.00
CA GLU C 24 -10.23 0.35 1.30
C GLU C 24 -9.50 1.07 2.43
N SER C 25 -9.14 0.34 3.48
CA SER C 25 -8.45 0.99 4.59
C SER C 25 -7.05 1.44 4.21
N LEU C 26 -6.37 0.68 3.34
CA LEU C 26 -5.07 1.14 2.85
C LEU C 26 -5.23 2.36 1.96
N LYS C 27 -6.19 2.32 1.03
CA LYS C 27 -6.47 3.50 0.21
C LYS C 27 -6.67 4.73 1.08
N ASN C 28 -7.47 4.60 2.14
CA ASN C 28 -7.70 5.73 3.03
C ASN C 28 -6.42 6.13 3.75
N LEU C 29 -5.64 5.16 4.22
CA LEU C 29 -4.41 5.48 4.94
C LEU C 29 -3.44 6.23 4.04
N ILE C 30 -3.23 5.73 2.82
CA ILE C 30 -2.34 6.42 1.88
C ILE C 30 -2.79 7.85 1.68
N THR C 31 -4.09 8.04 1.42
CA THR C 31 -4.61 9.38 1.17
C THR C 31 -4.45 10.27 2.40
N LEU C 32 -4.74 9.73 3.58
CA LEU C 32 -4.60 10.53 4.80
C LEU C 32 -3.16 10.98 4.99
N ARG C 33 -2.21 10.03 5.00
CA ARG C 33 -0.82 10.40 5.25
C ARG C 33 -0.28 11.31 4.16
N ALA C 34 -0.70 11.10 2.91
CA ALA C 34 -0.25 11.98 1.83
C ALA C 34 -0.83 13.38 1.98
N ASP C 35 -2.10 13.46 2.39
CA ASP C 35 -2.70 14.78 2.65
C ASP C 35 -1.96 15.49 3.77
N ARG C 36 -1.69 14.79 4.88
CA ARG C 36 -0.91 15.37 5.97
C ARG C 36 0.42 15.90 5.44
N LEU C 37 1.12 15.10 4.63
CA LEU C 37 2.43 15.50 4.15
C LEU C 37 2.34 16.77 3.29
N GLU C 38 1.34 16.85 2.40
CA GLU C 38 1.20 18.03 1.55
C GLU C 38 0.88 19.27 2.38
N MET C 39 0.06 19.11 3.42
CA MET C 39 -0.25 20.23 4.29
C MET C 39 0.97 20.64 5.12
N ILE C 40 1.77 19.65 5.55
CA ILE C 40 2.95 19.96 6.32
C ILE C 40 3.99 20.68 5.48
N ILE C 41 4.18 20.23 4.23
CA ILE C 41 5.21 20.81 3.39
C ILE C 41 4.83 22.24 3.01
N ASN C 42 3.58 22.47 2.65
CA ASN C 42 3.14 23.81 2.30
C ASN C 42 3.24 24.75 3.51
N ASP C 43 2.76 24.28 4.67
CA ASP C 43 2.84 25.11 5.87
C ASP C 43 4.27 25.54 6.15
N ASN C 44 5.22 24.60 6.06
CA ASN C 44 6.61 24.90 6.41
C ASN C 44 7.24 25.83 5.39
N VAL C 45 6.95 25.64 4.10
CA VAL C 45 7.51 26.53 3.09
C VAL C 45 6.96 27.94 3.25
N SER C 46 5.66 28.04 3.57
CA SER C 46 5.08 29.36 3.81
C SER C 46 5.74 30.03 5.01
N THR C 47 6.15 29.24 6.01
CA THR C 47 6.88 29.82 7.14
C THR C 47 8.26 30.30 6.71
N ILE C 48 8.98 29.49 5.93
CA ILE C 48 10.29 29.91 5.46
C ILE C 48 10.18 31.18 4.63
N LEU C 49 9.24 31.20 3.67
CA LEU C 49 9.13 32.35 2.78
C LEU C 49 8.86 33.63 3.56
N ALA C 50 8.06 33.56 4.61
CA ALA C 50 7.78 34.74 5.43
C ALA C 50 8.89 35.07 6.42
N SER C 51 9.96 34.29 6.42
CA SER C 51 11.10 34.52 7.31
C SER C 51 12.38 34.88 6.57
N ILE C 52 12.41 34.74 5.25
CA ILE C 52 13.61 35.12 4.49
C ILE C 52 13.49 36.59 4.08
N GLY D 1 -20.75 -32.13 2.30
CA GLY D 1 -21.64 -31.52 3.33
C GLY D 1 -20.86 -31.01 4.52
N SER D 2 -20.55 -31.91 5.44
CA SER D 2 -19.64 -31.59 6.54
C SER D 2 -18.19 -31.46 6.05
N ILE D 3 -17.90 -31.90 4.84
CA ILE D 3 -16.59 -31.72 4.23
C ILE D 3 -16.57 -30.51 3.31
N ILE D 4 -17.60 -30.33 2.49
CA ILE D 4 -17.62 -29.26 1.51
C ILE D 4 -17.53 -27.90 2.21
N ASN D 5 -18.30 -27.73 3.28
CA ASN D 5 -18.30 -26.42 3.97
C ASN D 5 -17.12 -26.30 4.93
N GLU D 6 -16.66 -27.41 5.52
CA GLU D 6 -15.47 -27.34 6.37
C GLU D 6 -14.23 -27.08 5.52
N THR D 7 -14.27 -27.47 4.24
CA THR D 7 -13.20 -27.13 3.31
C THR D 7 -13.41 -25.74 2.72
N ALA D 8 -14.66 -25.30 2.63
CA ALA D 8 -14.93 -23.91 2.25
C ALA D 8 -14.49 -22.97 3.35
N ASP D 9 -14.91 -23.22 4.59
CA ASP D 9 -14.50 -22.38 5.71
C ASP D 9 -13.00 -22.42 5.92
N ASP D 10 -12.35 -23.53 5.55
CA ASP D 10 -10.92 -23.66 5.74
C ASP D 10 -10.15 -22.82 4.71
N ILE D 11 -10.61 -22.83 3.45
CA ILE D 11 -9.97 -21.99 2.44
C ILE D 11 -10.06 -20.52 2.85
N VAL D 12 -11.24 -20.10 3.29
CA VAL D 12 -11.45 -18.68 3.62
C VAL D 12 -10.56 -18.27 4.79
N TYR D 13 -10.52 -19.11 5.84
CA TYR D 13 -9.72 -18.76 7.01
C TYR D 13 -8.24 -18.69 6.66
N ARG D 14 -7.73 -19.70 5.95
CA ARG D 14 -6.31 -19.71 5.61
C ARG D 14 -5.92 -18.50 4.77
N LEU D 15 -6.74 -18.15 3.77
CA LEU D 15 -6.42 -16.99 2.94
C LEU D 15 -6.67 -15.68 3.68
N THR D 16 -7.63 -15.67 4.62
CA THR D 16 -7.86 -14.47 5.40
C THR D 16 -6.65 -14.14 6.28
N VAL D 17 -5.99 -15.17 6.82
CA VAL D 17 -4.79 -14.94 7.62
C VAL D 17 -3.69 -14.36 6.75
N ILE D 18 -3.51 -14.91 5.55
CA ILE D 18 -2.51 -14.36 4.62
C ILE D 18 -2.84 -12.91 4.30
N ILE D 19 -4.10 -12.64 3.93
CA ILE D 19 -4.48 -11.30 3.53
C ILE D 19 -4.35 -10.33 4.69
N ASP D 20 -4.86 -10.72 5.86
CA ASP D 20 -4.75 -9.84 7.03
C ASP D 20 -3.30 -9.57 7.38
N ASP D 21 -2.46 -10.61 7.36
CA ASP D 21 -1.07 -10.43 7.74
C ASP D 21 -0.32 -9.53 6.77
N ARG D 22 -0.56 -9.70 5.47
CA ARG D 22 0.08 -8.83 4.48
C ARG D 22 -0.46 -7.40 4.60
N TYR D 23 -1.76 -7.27 4.88
CA TYR D 23 -2.35 -5.94 5.00
C TYR D 23 -1.75 -5.17 6.17
N GLU D 24 -1.68 -5.81 7.34
CA GLU D 24 -1.13 -5.13 8.51
C GLU D 24 0.33 -4.73 8.29
N SER D 25 1.08 -5.54 7.53
CA SER D 25 2.45 -5.18 7.20
C SER D 25 2.50 -3.95 6.30
N LEU D 26 1.58 -3.86 5.33
CA LEU D 26 1.49 -2.66 4.52
C LEU D 26 1.04 -1.46 5.36
N LYS D 27 0.06 -1.67 6.25
CA LYS D 27 -0.37 -0.60 7.13
C LYS D 27 0.79 -0.09 7.99
N ASN D 28 1.66 -1.01 8.45
CA ASN D 28 2.76 -0.58 9.31
C ASN D 28 3.84 0.15 8.51
N LEU D 29 4.10 -0.31 7.28
CA LEU D 29 5.14 0.33 6.48
C LEU D 29 4.73 1.72 6.03
N ILE D 30 3.47 1.89 5.62
CA ILE D 30 2.98 3.22 5.26
C ILE D 30 3.10 4.16 6.45
N THR D 31 2.66 3.71 7.62
CA THR D 31 2.74 4.54 8.81
C THR D 31 4.19 4.82 9.20
N LEU D 32 5.05 3.82 9.05
CA LEU D 32 6.45 4.00 9.40
C LEU D 32 7.13 5.02 8.49
N ARG D 33 7.00 4.84 7.18
CA ARG D 33 7.70 5.74 6.26
C ARG D 33 7.10 7.14 6.28
N ALA D 34 5.79 7.26 6.47
CA ALA D 34 5.18 8.57 6.59
C ALA D 34 5.63 9.28 7.87
N ASP D 35 5.62 8.56 8.99
CA ASP D 35 6.16 9.14 10.22
C ASP D 35 7.63 9.54 10.03
N ARG D 36 8.40 8.70 9.34
CA ARG D 36 9.82 9.01 9.12
C ARG D 36 9.99 10.24 8.23
N LEU D 37 9.17 10.36 7.19
CA LEU D 37 9.27 11.54 6.33
C LEU D 37 8.95 12.81 7.11
N GLU D 38 8.03 12.73 8.07
CA GLU D 38 7.58 13.92 8.77
C GLU D 38 8.58 14.38 9.82
N MET D 39 9.29 13.46 10.47
CA MET D 39 10.39 13.86 11.33
C MET D 39 11.49 14.52 10.51
N ILE D 40 11.90 13.87 9.41
CA ILE D 40 12.89 14.45 8.52
C ILE D 40 12.49 15.85 8.12
N ILE D 41 11.23 16.01 7.68
CA ILE D 41 10.77 17.31 7.22
C ILE D 41 10.77 18.32 8.37
N ASN D 42 10.20 17.94 9.52
CA ASN D 42 10.17 18.85 10.66
C ASN D 42 11.58 19.25 11.08
N ASP D 43 12.51 18.30 11.10
CA ASP D 43 13.87 18.62 11.50
C ASP D 43 14.52 19.60 10.53
N ASN D 44 14.29 19.40 9.22
CA ASN D 44 14.95 20.26 8.23
C ASN D 44 14.41 21.67 8.27
N VAL D 45 13.11 21.83 8.50
CA VAL D 45 12.54 23.17 8.58
C VAL D 45 13.00 23.87 9.84
N SER D 46 13.13 23.12 10.94
CA SER D 46 13.72 23.70 12.15
C SER D 46 15.14 24.17 11.89
N THR D 47 15.91 23.38 11.14
CA THR D 47 17.30 23.73 10.86
C THR D 47 17.37 24.97 9.97
N ILE D 48 16.56 25.01 8.90
CA ILE D 48 16.60 26.16 8.01
C ILE D 48 16.23 27.43 8.76
N LEU D 49 15.14 27.39 9.52
CA LEU D 49 14.70 28.57 10.26
C LEU D 49 15.75 29.00 11.28
N ALA D 50 16.40 28.04 11.93
CA ALA D 50 17.44 28.37 12.91
C ALA D 50 18.74 28.83 12.27
N SER D 51 18.88 28.68 10.95
CA SER D 51 20.08 29.12 10.25
C SER D 51 19.91 30.45 9.53
N ILE D 52 18.67 30.88 9.28
CA ILE D 52 18.42 32.16 8.65
C ILE D 52 18.85 33.28 9.60
#